data_4INW
#
_entry.id   4INW
#
_cell.length_a   57.455
_cell.length_b   57.455
_cell.length_c   93.268
_cell.angle_alpha   90.00
_cell.angle_beta   90.00
_cell.angle_gamma   120.00
#
_symmetry.space_group_name_H-M   'P 65'
#
loop_
_entity.id
_entity.type
_entity.pdbx_description
1 polymer 'Pheromone-binding protein 1'
2 non-polymer (11Z,13Z)-hexadeca-11,13-dienal
3 water water
#
_entity_poly.entity_id   1
_entity_poly.type   'polypeptide(L)'
_entity_poly.pdbx_seq_one_letter_code
;SPEIMKDLSINFGKALDTCKKELDLPDSINEDFYKFWKEDYEITNRLTGCAIKCLSEKLEMVDADGKLHHGNAREFAMKH
GADDAMAKQLVDLIHGCEKSIPPNDDRCMEVLSIAMCFKKEIHNLKWAPNMEVVVGEVLA
;
_entity_poly.pdbx_strand_id   A
#
# COMPACT_ATOMS: atom_id res chain seq x y z
N SER A 1 11.46 -2.95 -9.86
CA SER A 1 11.48 -1.92 -10.91
C SER A 1 10.20 -1.11 -10.81
N PRO A 2 10.23 0.09 -11.40
CA PRO A 2 8.98 0.86 -11.46
C PRO A 2 7.86 0.12 -12.20
N GLU A 3 8.18 -0.69 -13.21
CA GLU A 3 7.15 -1.35 -13.99
C GLU A 3 6.43 -2.38 -13.09
N ILE A 4 7.19 -3.18 -12.32
CA ILE A 4 6.52 -4.11 -11.42
C ILE A 4 5.71 -3.30 -10.37
N MET A 5 6.34 -2.29 -9.80
CA MET A 5 5.64 -1.54 -8.75
C MET A 5 4.35 -0.88 -9.28
N LYS A 6 4.33 -0.50 -10.55
CA LYS A 6 3.07 0.01 -11.14
C LYS A 6 2.00 -1.05 -11.12
N ASP A 7 2.35 -2.28 -11.54
CA ASP A 7 1.40 -3.36 -11.64
C ASP A 7 0.90 -3.75 -10.25
N LEU A 8 1.83 -3.87 -9.29
CA LEU A 8 1.41 -4.14 -7.91
C LEU A 8 0.45 -3.02 -7.43
N SER A 9 0.82 -1.77 -7.70
CA SER A 9 0.00 -0.60 -7.29
CA SER A 9 0.01 -0.63 -7.24
C SER A 9 -1.41 -0.70 -7.86
N ILE A 10 -1.54 -0.96 -9.15
CA ILE A 10 -2.87 -0.99 -9.76
C ILE A 10 -3.71 -2.07 -9.15
N ASN A 11 -3.08 -3.26 -8.97
CA ASN A 11 -3.79 -4.33 -8.38
C ASN A 11 -4.11 -4.13 -6.92
N PHE A 12 -3.27 -3.42 -6.18
CA PHE A 12 -3.58 -3.14 -4.79
C PHE A 12 -4.78 -2.16 -4.70
N GLY A 13 -4.83 -1.20 -5.63
CA GLY A 13 -5.92 -0.19 -5.60
C GLY A 13 -7.22 -0.63 -6.22
N LYS A 14 -7.28 -1.81 -6.84
CA LYS A 14 -8.47 -2.16 -7.62
C LYS A 14 -9.71 -2.24 -6.74
N ALA A 15 -9.52 -2.53 -5.45
CA ALA A 15 -10.65 -2.63 -4.51
C ALA A 15 -10.97 -1.30 -3.81
N LEU A 16 -10.40 -0.21 -4.27
CA LEU A 16 -10.58 1.03 -3.55
C LEU A 16 -12.07 1.46 -3.41
N ASP A 17 -12.82 1.45 -4.52
CA ASP A 17 -14.25 1.84 -4.41
C ASP A 17 -15.02 0.84 -3.53
N THR A 18 -14.72 -0.46 -3.64
CA THR A 18 -15.34 -1.42 -2.74
C THR A 18 -15.03 -1.11 -1.27
N CYS A 19 -13.77 -0.83 -0.95
CA CYS A 19 -13.42 -0.49 0.41
C CYS A 19 -14.10 0.82 0.86
N LYS A 20 -14.15 1.82 0.00
CA LYS A 20 -14.82 3.05 0.35
C LYS A 20 -16.28 2.80 0.69
N LYS A 21 -16.96 1.97 -0.05
CA LYS A 21 -18.37 1.67 0.22
C LYS A 21 -18.52 0.85 1.53
N GLU A 22 -17.65 -0.13 1.75
CA GLU A 22 -17.72 -0.92 2.97
C GLU A 22 -17.48 -0.09 4.22
N LEU A 23 -16.60 0.89 4.12
CA LEU A 23 -16.24 1.74 5.28
C LEU A 23 -16.94 3.05 5.31
N ASP A 24 -17.76 3.31 4.30
CA ASP A 24 -18.42 4.61 4.14
C ASP A 24 -17.43 5.73 4.25
N LEU A 25 -16.37 5.64 3.46
CA LEU A 25 -15.31 6.64 3.51
C LEU A 25 -15.64 7.82 2.64
N PRO A 26 -15.16 9.00 3.04
CA PRO A 26 -15.43 10.20 2.28
C PRO A 26 -14.51 10.38 1.09
N ASP A 27 -14.94 11.17 0.11
CA ASP A 27 -14.17 11.44 -1.09
C ASP A 27 -12.92 12.27 -0.84
N SER A 28 -12.85 12.90 0.32
CA SER A 28 -11.68 13.65 0.73
C SER A 28 -10.43 12.77 0.90
N ILE A 29 -10.57 11.43 0.89
CA ILE A 29 -9.39 10.56 0.87
C ILE A 29 -8.85 10.36 -0.56
N ASN A 30 -9.64 10.67 -1.58
CA ASN A 30 -9.24 10.33 -2.93
C ASN A 30 -7.92 10.98 -3.30
N GLU A 31 -7.71 12.25 -2.98
CA GLU A 31 -6.50 12.90 -3.43
C GLU A 31 -5.28 12.16 -2.88
N ASP A 32 -5.42 11.60 -1.67
CA ASP A 32 -4.25 10.86 -1.06
C ASP A 32 -3.85 9.66 -1.92
N PHE A 33 -4.84 8.99 -2.49
CA PHE A 33 -4.57 7.90 -3.42
C PHE A 33 -4.02 8.38 -4.74
N TYR A 34 -4.57 9.50 -5.29
CA TYR A 34 -4.03 10.03 -6.53
C TYR A 34 -2.56 10.45 -6.37
N LYS A 35 -2.20 10.86 -5.18
CA LYS A 35 -0.81 11.33 -4.91
C LYS A 35 0.06 10.26 -4.21
N PHE A 36 -0.45 9.05 -4.14
CA PHE A 36 0.25 8.09 -3.27
C PHE A 36 1.73 8.01 -3.53
N TRP A 37 2.13 7.94 -4.78
CA TRP A 37 3.57 7.73 -5.09
C TRP A 37 4.32 9.05 -5.35
N LYS A 38 3.67 10.19 -5.09
CA LYS A 38 4.33 11.47 -5.29
C LYS A 38 5.45 11.61 -4.26
N GLU A 39 6.69 11.81 -4.74
CA GLU A 39 7.82 11.89 -3.81
C GLU A 39 7.59 13.04 -2.82
N ASP A 40 7.87 12.74 -1.55
CA ASP A 40 7.77 13.71 -0.44
C ASP A 40 6.36 14.08 -0.02
N TYR A 41 5.36 13.50 -0.69
CA TYR A 41 3.98 13.72 -0.25
C TYR A 41 3.65 12.81 0.98
N GLU A 42 3.25 13.44 2.07
CA GLU A 42 2.89 12.69 3.29
C GLU A 42 1.37 12.62 3.43
N ILE A 43 0.86 11.41 3.48
CA ILE A 43 -0.50 11.17 3.84
C ILE A 43 -0.64 11.23 5.36
N THR A 44 -1.57 12.04 5.86
CA THR A 44 -1.77 12.19 7.29
C THR A 44 -3.16 11.77 7.77
N ASN A 45 -4.10 11.61 6.84
CA ASN A 45 -5.48 11.32 7.24
C ASN A 45 -5.63 9.85 7.68
N ARG A 46 -5.97 9.60 8.95
CA ARG A 46 -6.15 8.22 9.41
C ARG A 46 -7.19 7.46 8.58
N LEU A 47 -8.20 8.18 8.04
CA LEU A 47 -9.18 7.51 7.20
C LEU A 47 -8.55 6.90 5.91
N THR A 48 -7.54 7.59 5.35
CA THR A 48 -6.82 7.00 4.24
C THR A 48 -6.08 5.71 4.73
N GLY A 49 -5.58 5.78 5.95
CA GLY A 49 -5.02 4.59 6.58
C GLY A 49 -6.02 3.48 6.67
N CYS A 50 -7.25 3.77 7.07
CA CYS A 50 -8.27 2.71 7.12
C CYS A 50 -8.48 2.12 5.76
N ALA A 51 -8.53 2.93 4.71
CA ALA A 51 -8.69 2.43 3.36
C ALA A 51 -7.49 1.50 3.00
N ILE A 52 -6.27 2.00 3.20
CA ILE A 52 -5.09 1.16 2.90
C ILE A 52 -5.17 -0.18 3.66
N LYS A 53 -5.60 -0.14 4.90
CA LYS A 53 -5.76 -1.38 5.68
C LYS A 53 -6.73 -2.32 5.03
N CYS A 54 -7.88 -1.78 4.61
CA CYS A 54 -8.86 -2.61 3.94
C CYS A 54 -8.32 -3.20 2.62
N LEU A 55 -7.61 -2.41 1.84
CA LEU A 55 -6.99 -2.92 0.60
C LEU A 55 -6.03 -4.06 0.90
N SER A 56 -5.27 -3.94 1.98
CA SER A 56 -4.33 -5.01 2.36
C SER A 56 -5.13 -6.23 2.77
N GLU A 57 -6.18 -6.10 3.54
CA GLU A 57 -7.01 -7.21 3.96
C GLU A 57 -7.67 -7.90 2.76
N LYS A 58 -8.03 -7.14 1.72
CA LYS A 58 -8.64 -7.75 0.54
C LYS A 58 -7.67 -8.69 -0.14
N LEU A 59 -6.39 -8.39 -0.07
CA LEU A 59 -5.38 -9.25 -0.66
C LEU A 59 -4.82 -10.25 0.36
N GLU A 60 -5.45 -10.35 1.53
CA GLU A 60 -5.06 -11.36 2.56
C GLU A 60 -3.64 -11.11 3.03
N MET A 61 -3.21 -9.84 3.01
CA MET A 61 -1.87 -9.47 3.43
C MET A 61 -1.69 -9.20 4.90
N VAL A 62 -2.76 -9.33 5.68
CA VAL A 62 -2.65 -9.13 7.12
C VAL A 62 -2.85 -10.51 7.76
N ASP A 63 -1.92 -10.91 8.62
CA ASP A 63 -2.05 -12.17 9.34
C ASP A 63 -2.92 -12.03 10.61
N ALA A 64 -3.12 -13.14 11.30
CA ALA A 64 -4.01 -13.18 12.42
C ALA A 64 -3.58 -12.30 13.58
N ASP A 65 -2.34 -11.81 13.59
CA ASP A 65 -1.88 -10.87 14.62
C ASP A 65 -1.78 -9.43 14.16
N GLY A 66 -2.27 -9.15 12.95
CA GLY A 66 -2.24 -7.78 12.43
C GLY A 66 -0.91 -7.36 11.89
N LYS A 67 -0.10 -8.32 11.52
CA LYS A 67 1.21 -8.07 10.91
C LYS A 67 1.18 -8.59 9.48
N LEU A 68 2.20 -8.25 8.70
CA LEU A 68 2.24 -8.70 7.31
C LEU A 68 2.20 -10.24 7.24
N HIS A 69 1.34 -10.76 6.38
CA HIS A 69 1.37 -12.17 6.04
C HIS A 69 2.33 -12.36 4.92
N HIS A 70 3.52 -12.86 5.25
CA HIS A 70 4.60 -12.91 4.28
C HIS A 70 4.25 -13.79 3.10
N GLY A 71 3.65 -14.95 3.35
CA GLY A 71 3.38 -15.86 2.25
C GLY A 71 2.40 -15.29 1.26
N ASN A 72 1.36 -14.62 1.76
CA ASN A 72 0.37 -14.04 0.86
C ASN A 72 0.90 -12.77 0.18
N ALA A 73 1.78 -12.03 0.85
CA ALA A 73 2.41 -10.89 0.22
C ALA A 73 3.31 -11.33 -0.93
N ARG A 74 4.05 -12.41 -0.67
CA ARG A 74 4.94 -12.98 -1.70
C ARG A 74 4.11 -13.45 -2.90
N GLU A 75 3.02 -14.14 -2.63
CA GLU A 75 2.20 -14.65 -3.72
C GLU A 75 1.68 -13.49 -4.59
N PHE A 76 1.20 -12.42 -3.94
CA PHE A 76 0.75 -11.21 -4.64
C PHE A 76 1.84 -10.60 -5.50
N ALA A 77 3.05 -10.42 -4.92
CA ALA A 77 4.11 -9.82 -5.66
C ALA A 77 4.46 -10.62 -6.93
N MET A 78 4.56 -11.94 -6.73
CA MET A 78 5.02 -12.83 -7.80
C MET A 78 3.98 -12.98 -8.94
N LYS A 79 2.68 -12.89 -8.62
CA LYS A 79 1.66 -12.96 -9.67
C LYS A 79 1.90 -11.86 -10.70
N HIS A 80 2.41 -10.72 -10.26
CA HIS A 80 2.48 -9.56 -11.13
C HIS A 80 3.94 -9.25 -11.52
N GLY A 81 4.82 -10.25 -11.43
CA GLY A 81 6.13 -10.10 -12.08
C GLY A 81 7.33 -10.26 -11.16
N ALA A 82 7.14 -10.13 -9.86
CA ALA A 82 8.33 -10.27 -8.95
C ALA A 82 8.88 -11.70 -9.06
N ASP A 83 10.21 -11.83 -9.15
CA ASP A 83 10.83 -13.13 -8.92
C ASP A 83 10.88 -13.38 -7.40
N ASP A 84 11.43 -14.52 -6.98
CA ASP A 84 11.50 -14.79 -5.54
C ASP A 84 12.34 -13.75 -4.83
N ALA A 85 13.41 -13.30 -5.47
CA ALA A 85 14.29 -12.33 -4.88
C ALA A 85 13.55 -11.02 -4.60
N MET A 86 12.90 -10.47 -5.65
CA MET A 86 12.18 -9.19 -5.48
C MET A 86 11.05 -9.37 -4.45
N ALA A 87 10.32 -10.46 -4.51
CA ALA A 87 9.31 -10.68 -3.51
C ALA A 87 9.84 -10.61 -2.09
N LYS A 88 10.98 -11.29 -1.86
CA LYS A 88 11.61 -11.30 -0.55
C LYS A 88 12.06 -9.82 -0.22
N GLN A 89 12.68 -9.17 -1.16
CA GLN A 89 13.17 -7.80 -0.90
C GLN A 89 11.98 -6.86 -0.50
N LEU A 90 10.82 -7.05 -1.15
CA LEU A 90 9.62 -6.26 -0.81
C LEU A 90 9.07 -6.58 0.56
N VAL A 91 8.99 -7.88 0.89
CA VAL A 91 8.47 -8.26 2.15
C VAL A 91 9.40 -7.76 3.26
N ASP A 92 10.72 -7.87 3.03
CA ASP A 92 11.65 -7.35 4.00
C ASP A 92 11.50 -5.86 4.23
N LEU A 93 11.28 -5.11 3.17
CA LEU A 93 11.04 -3.68 3.39
C LEU A 93 9.80 -3.44 4.26
N ILE A 94 8.72 -4.14 4.00
CA ILE A 94 7.51 -3.90 4.81
C ILE A 94 7.77 -4.31 6.26
N HIS A 95 8.41 -5.50 6.46
CA HIS A 95 8.72 -5.98 7.82
C HIS A 95 9.60 -4.97 8.56
N GLY A 96 10.62 -4.47 7.87
CA GLY A 96 11.51 -3.46 8.41
C GLY A 96 10.71 -2.19 8.86
N CYS A 97 9.75 -1.81 8.02
CA CYS A 97 8.88 -0.67 8.36
C CYS A 97 7.99 -0.94 9.58
N GLU A 98 7.43 -2.13 9.66
CA GLU A 98 6.72 -2.53 10.87
C GLU A 98 7.57 -2.36 12.10
N LYS A 99 8.86 -2.76 12.03
CA LYS A 99 9.73 -2.67 13.16
C LYS A 99 10.32 -1.29 13.44
N SER A 100 10.23 -0.37 12.50
CA SER A 100 10.89 0.90 12.71
C SER A 100 9.94 1.97 13.12
N ILE A 101 8.67 1.84 12.69
CA ILE A 101 7.67 2.91 12.85
C ILE A 101 7.45 3.12 14.36
N PRO A 102 7.11 4.37 14.71
CA PRO A 102 6.62 4.60 16.07
C PRO A 102 5.34 3.80 16.27
N PRO A 103 5.28 3.03 17.36
CA PRO A 103 4.13 2.11 17.37
C PRO A 103 2.78 2.83 17.59
N ASN A 104 1.67 2.27 17.10
CA ASN A 104 0.36 2.89 17.26
C ASN A 104 -0.74 1.92 17.52
N ASP A 105 -1.44 2.15 18.60
CA ASP A 105 -2.62 1.42 19.03
C ASP A 105 -3.72 1.39 17.91
N ASP A 106 -3.86 2.51 17.19
CA ASP A 106 -4.83 2.64 16.12
C ASP A 106 -4.30 2.00 14.83
N ARG A 107 -4.93 0.92 14.44
CA ARG A 107 -4.45 0.19 13.26
C ARG A 107 -4.46 1.04 12.02
N CYS A 108 -5.41 1.97 11.89
CA CYS A 108 -5.41 2.82 10.69
C CYS A 108 -4.16 3.69 10.64
N MET A 109 -3.77 4.24 11.79
CA MET A 109 -2.52 4.98 11.87
C MET A 109 -1.28 4.10 11.72
N GLU A 110 -1.30 2.88 12.26
CA GLU A 110 -0.16 1.99 12.10
C GLU A 110 0.05 1.71 10.60
N VAL A 111 -1.04 1.31 9.92
CA VAL A 111 -0.98 1.04 8.50
C VAL A 111 -0.48 2.20 7.71
N LEU A 112 -1.02 3.37 8.02
CA LEU A 112 -0.55 4.59 7.36
C LEU A 112 0.97 4.75 7.50
N SER A 113 1.45 4.63 8.75
CA SER A 113 2.89 4.73 9.02
CA SER A 113 2.89 4.79 8.96
C SER A 113 3.74 3.74 8.25
N ILE A 114 3.24 2.52 8.16
CA ILE A 114 4.00 1.48 7.43
C ILE A 114 3.99 1.84 5.95
N ALA A 115 2.85 2.32 5.43
CA ALA A 115 2.78 2.68 4.02
C ALA A 115 3.71 3.81 3.68
N MET A 116 3.76 4.83 4.54
CA MET A 116 4.66 5.94 4.28
C MET A 116 6.14 5.56 4.35
N CYS A 117 6.51 4.71 5.31
CA CYS A 117 7.87 4.19 5.39
C CYS A 117 8.19 3.36 4.14
N PHE A 118 7.27 2.51 3.73
CA PHE A 118 7.48 1.67 2.58
C PHE A 118 7.68 2.48 1.32
N LYS A 119 6.81 3.47 1.15
N LYS A 119 6.82 3.47 1.13
CA LYS A 119 6.93 4.38 0.04
CA LYS A 119 6.95 4.38 0.01
C LYS A 119 8.31 5.03 -0.04
C LYS A 119 8.32 5.03 -0.05
N LYS A 120 8.81 5.52 1.09
CA LYS A 120 10.12 6.16 1.10
C LYS A 120 11.20 5.15 0.69
N GLU A 121 11.10 3.91 1.17
CA GLU A 121 12.09 2.88 0.80
C GLU A 121 12.06 2.54 -0.66
N ILE A 122 10.88 2.56 -1.28
CA ILE A 122 10.75 2.31 -2.67
C ILE A 122 11.35 3.45 -3.50
N HIS A 123 11.06 4.70 -3.09
CA HIS A 123 11.74 5.82 -3.73
C HIS A 123 13.24 5.68 -3.64
N ASN A 124 13.75 5.32 -2.45
CA ASN A 124 15.18 5.14 -2.29
C ASN A 124 15.82 4.12 -3.24
N LEU A 125 15.07 3.10 -3.61
CA LEU A 125 15.51 2.09 -4.57
C LEU A 125 15.30 2.52 -6.02
N LYS A 126 14.66 3.68 -6.22
CA LYS A 126 14.34 4.17 -7.56
C LYS A 126 13.37 3.21 -8.24
N TRP A 127 12.43 2.65 -7.45
CA TRP A 127 11.42 1.77 -7.96
C TRP A 127 10.03 2.43 -7.97
N ALA A 128 9.91 3.72 -7.66
CA ALA A 128 8.54 4.31 -7.55
C ALA A 128 7.98 4.48 -8.97
N PRO A 129 6.73 4.12 -9.14
CA PRO A 129 6.01 4.40 -10.39
C PRO A 129 5.44 5.82 -10.34
N ASN A 130 4.70 6.19 -11.39
CA ASN A 130 4.06 7.53 -11.44
C ASN A 130 3.13 7.67 -10.24
N MET A 131 2.83 8.96 -9.90
CA MET A 131 2.24 9.23 -8.59
C MET A 131 0.84 8.58 -8.43
N GLU A 132 0.10 8.53 -9.54
CA GLU A 132 -1.35 8.25 -9.52
C GLU A 132 -1.72 6.79 -9.82
N VAL A 133 -0.74 5.89 -9.92
CA VAL A 133 -1.05 4.57 -10.46
C VAL A 133 -1.85 3.66 -9.52
N VAL A 134 -1.86 3.92 -8.20
CA VAL A 134 -2.65 3.07 -7.32
C VAL A 134 -4.11 3.17 -7.73
N VAL A 135 -4.56 4.40 -8.07
CA VAL A 135 -5.99 4.59 -8.44
C VAL A 135 -6.33 3.96 -9.77
N GLY A 136 -5.41 3.99 -10.72
CA GLY A 136 -5.75 3.49 -12.05
C GLY A 136 -7.02 4.18 -12.56
N GLU A 137 -7.96 3.37 -13.03
CA GLU A 137 -9.26 3.82 -13.52
C GLU A 137 -10.38 3.54 -12.51
N VAL A 138 -10.03 3.19 -11.28
N VAL A 138 -10.02 3.15 -11.29
CA VAL A 138 -11.02 2.75 -10.29
CA VAL A 138 -11.04 2.77 -10.31
C VAL A 138 -11.97 3.83 -9.82
C VAL A 138 -12.03 3.85 -9.92
N LEU A 139 -11.59 5.10 -9.97
CA LEU A 139 -12.45 6.21 -9.57
C LEU A 139 -13.08 6.92 -10.79
N ALA A 140 -12.91 6.39 -11.99
N ALA A 140 -12.76 6.47 -11.99
CA ALA A 140 -13.38 7.06 -13.21
CA ALA A 140 -13.31 7.07 -13.20
C ALA A 140 -14.82 6.70 -13.58
C ALA A 140 -14.83 7.03 -13.18
#